data_6TUN
#
_entry.id   6TUN
#
_cell.length_a   74.940
_cell.length_b   78.350
_cell.length_c   92.330
_cell.angle_alpha   90.00
_cell.angle_beta   90.00
_cell.angle_gamma   90.00
#
_symmetry.space_group_name_H-M   'P 21 21 21'
#
loop_
_entity.id
_entity.type
_entity.pdbx_description
1 polymer 'General transcription and DNA repair factor IIH helicase subunit XPD'
2 polymer 'CDK-activating kinase assembly factor MAT1'
3 non-polymer 'CHLORIDE ION'
4 water water
#
loop_
_entity_poly.entity_id
_entity_poly.type
_entity_poly.pdbx_seq_one_letter_code
_entity_poly.pdbx_strand_id
1 'polypeptide(L)'
;GPDSMSVNLTRRTLDRCQGNLETLQKTVLRIKETDEQRLRDEYRRLVEGLREASAARETDAHLANPVLPDEVLQEAVPGS
IRTAEHFLGFLRRLLEYVKWRLRVQHVVQESPPAFLSGLAQRVCIQRKPLRFCAERLRSLLHTLEITDLADFSPLTLLAN
FATLVSTYAKGFTIIIEPFDDRTPTIANPILHFSCMD
;
A,B
2 'polypeptide(L)' GPTVDKEVEIRKKVLKIYNKREEDFPSLREYNDFLEEVEEIVFNLTNNVDLDNTKKKMEIYQKENKDVIQKNKLKLT D,C
#
loop_
_chem_comp.id
_chem_comp.type
_chem_comp.name
_chem_comp.formula
CL non-polymer 'CHLORIDE ION' 'Cl -1'
#
# COMPACT_ATOMS: atom_id res chain seq x y z
N SER A 4 -1.57 -8.60 3.81
CA SER A 4 -0.92 -7.31 3.62
C SER A 4 -1.82 -6.39 2.79
N MET A 5 -1.28 -5.95 1.65
CA MET A 5 -2.01 -5.13 0.70
C MET A 5 -2.80 -5.96 -0.33
N SER A 6 -2.86 -7.28 -0.15
CA SER A 6 -3.63 -8.14 -1.04
C SER A 6 -4.83 -8.70 -0.29
N VAL A 7 -5.92 -8.89 -1.03
CA VAL A 7 -7.15 -9.45 -0.46
C VAL A 7 -7.78 -10.36 -1.50
N ASN A 8 -8.25 -11.52 -1.07
CA ASN A 8 -9.03 -12.43 -1.91
C ASN A 8 -10.41 -12.61 -1.30
N LEU A 9 -11.45 -12.45 -2.11
CA LEU A 9 -12.83 -12.64 -1.66
C LEU A 9 -13.49 -13.70 -2.53
N THR A 10 -13.79 -14.85 -1.95
CA THR A 10 -14.51 -15.87 -2.69
C THR A 10 -16.02 -15.68 -2.53
N ARG A 11 -16.77 -16.29 -3.44
CA ARG A 11 -18.23 -16.29 -3.34
C ARG A 11 -18.70 -16.83 -1.98
N ARG A 12 -18.02 -17.87 -1.48
CA ARG A 12 -18.42 -18.46 -0.20
C ARG A 12 -18.08 -17.53 0.96
N THR A 13 -16.92 -16.86 0.89
CA THR A 13 -16.58 -15.83 1.87
C THR A 13 -17.66 -14.74 1.93
N LEU A 14 -18.08 -14.25 0.76
CA LEU A 14 -19.16 -13.27 0.72
C LEU A 14 -20.48 -13.83 1.26
N ASP A 15 -20.75 -15.12 1.06
CA ASP A 15 -21.94 -15.71 1.68
C ASP A 15 -21.84 -15.65 3.20
N ARG A 16 -20.64 -15.91 3.73
N ARG A 16 -20.65 -15.90 3.74
CA ARG A 16 -20.40 -15.74 5.16
CA ARG A 16 -20.46 -15.74 5.18
C ARG A 16 -20.58 -14.29 5.60
C ARG A 16 -20.57 -14.29 5.61
N CYS A 17 -20.16 -13.33 4.75
CA CYS A 17 -20.36 -11.92 5.08
C CYS A 17 -21.84 -11.58 5.17
N GLN A 18 -22.64 -12.14 4.26
CA GLN A 18 -24.08 -11.91 4.33
C GLN A 18 -24.63 -12.44 5.65
N GLY A 19 -24.19 -13.64 6.06
CA GLY A 19 -24.54 -14.12 7.39
C GLY A 19 -24.13 -13.15 8.50
N ASN A 20 -22.90 -12.61 8.41
CA ASN A 20 -22.41 -11.66 9.41
C ASN A 20 -23.33 -10.44 9.48
N LEU A 21 -23.69 -9.86 8.33
CA LEU A 21 -24.55 -8.67 8.33
C LEU A 21 -25.90 -8.98 8.92
N GLU A 22 -26.46 -10.16 8.60
CA GLU A 22 -27.71 -10.57 9.24
C GLU A 22 -27.57 -10.55 10.75
N THR A 23 -26.54 -11.22 11.28
CA THR A 23 -26.30 -11.20 12.73
C THR A 23 -26.25 -9.77 13.28
N LEU A 24 -25.41 -8.93 12.68
CA LEU A 24 -25.24 -7.57 13.16
C LEU A 24 -26.54 -6.81 13.16
N GLN A 25 -27.33 -6.95 12.09
CA GLN A 25 -28.58 -6.22 12.00
C GLN A 25 -29.54 -6.65 13.09
N LYS A 26 -29.60 -7.95 13.39
CA LYS A 26 -30.47 -8.40 14.48
C LYS A 26 -29.98 -7.84 15.82
N THR A 27 -28.66 -7.79 16.01
CA THR A 27 -28.11 -7.25 17.25
C THR A 27 -28.45 -5.77 17.40
N VAL A 28 -28.33 -5.00 16.32
CA VAL A 28 -28.65 -3.58 16.41
C VAL A 28 -30.13 -3.37 16.70
N LEU A 29 -31.01 -4.17 16.09
CA LEU A 29 -32.43 -4.03 16.41
C LEU A 29 -32.69 -4.34 17.89
N ARG A 30 -32.09 -5.41 18.40
CA ARG A 30 -32.24 -5.72 19.83
C ARG A 30 -31.77 -4.54 20.70
N ILE A 31 -30.62 -3.97 20.37
CA ILE A 31 -30.06 -2.88 21.17
C ILE A 31 -30.94 -1.64 21.09
N LYS A 32 -31.52 -1.37 19.92
CA LYS A 32 -32.50 -0.29 19.81
C LYS A 32 -33.69 -0.52 20.72
N GLU A 33 -34.07 -1.77 20.92
CA GLU A 33 -35.19 -2.01 21.83
C GLU A 33 -34.76 -2.07 23.28
N THR A 34 -33.48 -2.25 23.58
CA THR A 34 -33.06 -2.48 24.96
C THR A 34 -32.10 -1.42 25.50
N ASP A 35 -31.18 -0.90 24.68
CA ASP A 35 -30.14 -0.02 25.23
C ASP A 35 -29.60 0.92 24.15
N GLU A 36 -30.44 1.85 23.71
CA GLU A 36 -30.03 2.80 22.67
C GLU A 36 -28.86 3.68 23.10
N GLN A 37 -28.65 3.85 24.40
CA GLN A 37 -27.57 4.71 24.88
C GLN A 37 -26.22 4.26 24.33
N ARG A 38 -26.01 2.95 24.19
CA ARG A 38 -24.75 2.45 23.63
C ARG A 38 -24.53 2.97 22.22
N LEU A 39 -25.60 2.99 21.42
CA LEU A 39 -25.49 3.51 20.06
C LEU A 39 -25.24 5.02 20.07
N ARG A 40 -25.93 5.76 20.95
CA ARG A 40 -25.69 7.21 21.03
C ARG A 40 -24.26 7.50 21.45
N ASP A 41 -23.73 6.72 22.39
CA ASP A 41 -22.35 6.87 22.82
C ASP A 41 -21.38 6.61 21.68
N GLU A 42 -21.60 5.54 20.90
CA GLU A 42 -20.73 5.35 19.73
C GLU A 42 -20.80 6.56 18.80
N TYR A 43 -22.01 7.05 18.52
CA TYR A 43 -22.16 8.19 17.64
C TYR A 43 -21.35 9.38 18.14
N ARG A 44 -21.51 9.72 19.42
CA ARG A 44 -20.77 10.83 19.99
C ARG A 44 -19.27 10.63 19.85
N ARG A 45 -18.77 9.42 20.15
CA ARG A 45 -17.34 9.14 19.94
C ARG A 45 -16.92 9.39 18.49
N LEU A 46 -17.73 8.95 17.54
CA LEU A 46 -17.33 9.07 16.14
C LEU A 46 -17.34 10.52 15.67
N VAL A 47 -18.34 11.29 16.08
CA VAL A 47 -18.46 12.64 15.53
C VAL A 47 -17.71 13.68 16.36
N GLU A 48 -17.49 13.44 17.65
CA GLU A 48 -16.87 14.45 18.51
C GLU A 48 -16.11 13.77 19.64
N GLY A 49 -15.08 13.00 19.32
CA GLY A 49 -14.28 12.41 20.39
C GLY A 49 -13.28 11.39 19.90
N LEU A 50 -12.89 10.52 20.83
CA LEU A 50 -11.73 9.66 20.65
C LEU A 50 -11.96 8.60 19.58
N ARG A 51 -10.99 8.45 18.69
CA ARG A 51 -10.97 7.43 17.65
C ARG A 51 -9.60 6.76 17.64
N GLU A 52 -9.58 5.51 17.20
CA GLU A 52 -8.32 4.76 17.03
C GLU A 52 -8.58 3.43 16.31
N GLN A 74 -7.44 12.91 12.13
CA GLN A 74 -7.45 13.45 10.78
C GLN A 74 -8.88 13.83 10.34
N GLU A 75 -9.35 13.19 9.27
CA GLU A 75 -10.59 13.60 8.64
C GLU A 75 -11.78 12.98 9.35
N ALA A 76 -12.86 13.76 9.43
CA ALA A 76 -14.07 13.26 10.10
C ALA A 76 -14.69 12.11 9.32
N VAL A 77 -15.25 11.16 10.08
CA VAL A 77 -16.05 10.07 9.54
C VAL A 77 -17.14 10.63 8.65
N PRO A 78 -17.32 10.14 7.43
CA PRO A 78 -18.30 10.76 6.53
C PRO A 78 -19.72 10.59 7.06
N GLY A 79 -20.52 11.63 6.87
CA GLY A 79 -21.88 11.65 7.38
C GLY A 79 -22.76 10.54 6.88
N SER A 80 -22.35 9.84 5.82
CA SER A 80 -23.13 8.74 5.30
C SER A 80 -22.98 7.43 6.08
N ILE A 81 -22.03 7.33 7.03
CA ILE A 81 -21.83 6.07 7.73
C ILE A 81 -21.63 6.27 9.22
N ARG A 82 -22.12 7.38 9.76
CA ARG A 82 -21.98 7.63 11.19
C ARG A 82 -22.79 6.64 12.03
N THR A 83 -24.08 6.51 11.74
CA THR A 83 -24.93 5.65 12.57
C THR A 83 -24.76 4.19 12.21
N ALA A 84 -25.00 3.33 13.20
CA ALA A 84 -24.84 1.90 12.98
C ALA A 84 -25.73 1.42 11.83
N GLU A 85 -26.98 1.86 11.77
CA GLU A 85 -27.89 1.36 10.75
C GLU A 85 -27.53 1.89 9.37
N HIS A 86 -27.08 3.15 9.27
CA HIS A 86 -26.68 3.66 7.96
C HIS A 86 -25.46 2.90 7.47
N PHE A 87 -24.52 2.60 8.38
CA PHE A 87 -23.34 1.86 7.99
C PHE A 87 -23.68 0.44 7.59
N LEU A 88 -24.61 -0.21 8.30
CA LEU A 88 -24.98 -1.56 7.89
C LEU A 88 -25.65 -1.55 6.52
N GLY A 89 -26.50 -0.56 6.23
CA GLY A 89 -27.07 -0.45 4.89
C GLY A 89 -26.00 -0.20 3.82
N PHE A 90 -25.00 0.58 4.17
CA PHE A 90 -23.87 0.81 3.27
C PHE A 90 -23.15 -0.51 2.97
N LEU A 91 -22.88 -1.30 4.00
CA LEU A 91 -22.23 -2.59 3.81
C LEU A 91 -23.10 -3.58 3.01
N ARG A 92 -24.43 -3.53 3.17
CA ARG A 92 -25.27 -4.41 2.35
C ARG A 92 -25.20 -4.02 0.88
N ARG A 93 -25.18 -2.71 0.58
CA ARG A 93 -25.08 -2.31 -0.82
C ARG A 93 -23.71 -2.67 -1.40
N LEU A 94 -22.65 -2.54 -0.61
CA LEU A 94 -21.33 -2.96 -1.07
C LEU A 94 -21.30 -4.46 -1.34
N LEU A 95 -21.85 -5.24 -0.41
CA LEU A 95 -21.80 -6.68 -0.56
C LEU A 95 -22.57 -7.08 -1.81
N GLU A 96 -23.70 -6.42 -2.06
CA GLU A 96 -24.54 -6.77 -3.19
C GLU A 96 -23.86 -6.42 -4.51
N TYR A 97 -23.16 -5.28 -4.55
CA TYR A 97 -22.35 -4.97 -5.73
C TYR A 97 -21.29 -6.04 -5.97
N VAL A 98 -20.56 -6.41 -4.92
CA VAL A 98 -19.47 -7.37 -5.11
C VAL A 98 -20.03 -8.73 -5.57
N LYS A 99 -21.12 -9.19 -4.96
CA LYS A 99 -21.75 -10.43 -5.41
C LYS A 99 -22.15 -10.35 -6.88
N TRP A 100 -22.70 -9.21 -7.29
CA TRP A 100 -23.07 -9.05 -8.69
C TRP A 100 -21.84 -9.16 -9.60
N ARG A 101 -20.74 -8.53 -9.20
CA ARG A 101 -19.54 -8.54 -10.04
C ARG A 101 -18.97 -9.94 -10.22
N LEU A 102 -19.13 -10.81 -9.21
CA LEU A 102 -18.56 -12.15 -9.25
C LEU A 102 -19.35 -13.13 -10.13
N ARG A 103 -20.52 -12.73 -10.64
CA ARG A 103 -21.29 -13.58 -11.56
C ARG A 103 -20.74 -13.47 -12.99
N VAL A 104 -19.45 -13.80 -13.12
CA VAL A 104 -18.79 -13.81 -14.42
C VAL A 104 -18.61 -15.25 -14.87
N GLN A 105 -18.50 -15.44 -16.18
CA GLN A 105 -18.18 -16.75 -16.75
C GLN A 105 -16.79 -16.79 -17.34
N HIS A 106 -16.00 -15.72 -17.17
CA HIS A 106 -14.64 -15.60 -17.69
C HIS A 106 -13.85 -14.66 -16.79
N VAL A 107 -12.52 -14.72 -16.92
CA VAL A 107 -11.68 -13.85 -16.11
C VAL A 107 -11.90 -12.39 -16.50
N VAL A 108 -12.00 -11.54 -15.49
CA VAL A 108 -12.13 -10.08 -15.65
C VAL A 108 -10.98 -9.41 -14.90
N GLN A 109 -10.34 -8.45 -15.56
CA GLN A 109 -9.34 -7.61 -14.90
C GLN A 109 -9.68 -6.15 -15.12
N GLU A 110 -9.66 -5.36 -14.05
CA GLU A 110 -9.94 -3.94 -14.21
C GLU A 110 -9.21 -3.13 -13.16
N SER A 111 -9.09 -1.84 -13.45
CA SER A 111 -8.45 -0.91 -12.54
C SER A 111 -9.35 -0.63 -11.35
N PRO A 112 -8.76 -0.25 -10.22
CA PRO A 112 -9.57 0.16 -9.06
C PRO A 112 -10.53 1.28 -9.39
N PRO A 113 -10.11 2.33 -10.15
CA PRO A 113 -11.09 3.38 -10.49
C PRO A 113 -12.28 2.87 -11.28
N ALA A 114 -12.11 1.86 -12.15
CA ALA A 114 -13.27 1.29 -12.85
C ALA A 114 -14.19 0.57 -11.89
N PHE A 115 -13.61 -0.22 -10.98
CA PHE A 115 -14.44 -0.87 -9.97
C PHE A 115 -15.22 0.15 -9.13
N LEU A 116 -14.59 1.26 -8.74
CA LEU A 116 -15.26 2.27 -7.93
C LEU A 116 -16.34 2.99 -8.72
N SER A 117 -16.06 3.23 -10.02
CA SER A 117 -17.05 3.85 -10.88
C SER A 117 -18.31 2.98 -10.97
N GLY A 118 -18.13 1.67 -11.16
CA GLY A 118 -19.28 0.77 -11.14
C GLY A 118 -19.99 0.82 -9.80
N LEU A 119 -19.24 0.89 -8.71
CA LEU A 119 -19.84 0.94 -7.38
C LEU A 119 -20.74 2.17 -7.23
N ALA A 120 -20.22 3.34 -7.60
CA ALA A 120 -21.00 4.55 -7.51
C ALA A 120 -22.23 4.50 -8.41
N GLN A 121 -22.08 3.98 -9.63
CA GLN A 121 -23.19 3.95 -10.57
C GLN A 121 -24.28 2.99 -10.12
N ARG A 122 -23.90 1.82 -9.64
CA ARG A 122 -24.91 0.78 -9.39
C ARG A 122 -25.55 0.87 -8.01
N VAL A 123 -24.79 1.16 -6.96
CA VAL A 123 -25.40 1.15 -5.62
C VAL A 123 -25.15 2.45 -4.85
N CYS A 124 -24.68 3.50 -5.55
CA CYS A 124 -24.54 4.86 -4.99
C CYS A 124 -23.51 4.94 -3.87
N ILE A 125 -22.48 4.12 -3.90
CA ILE A 125 -21.42 4.21 -2.91
C ILE A 125 -20.25 4.99 -3.50
N GLN A 126 -19.82 6.02 -2.79
CA GLN A 126 -18.70 6.87 -3.20
C GLN A 126 -17.40 6.39 -2.55
N ARG A 127 -16.28 6.85 -3.11
CA ARG A 127 -14.94 6.38 -2.69
C ARG A 127 -14.62 6.74 -1.23
N LYS A 128 -15.01 7.96 -0.81
CA LYS A 128 -14.55 8.45 0.49
C LYS A 128 -15.06 7.60 1.64
N PRO A 129 -16.37 7.35 1.79
CA PRO A 129 -16.80 6.46 2.90
C PRO A 129 -16.14 5.09 2.84
N LEU A 130 -15.82 4.60 1.65
CA LEU A 130 -15.09 3.34 1.58
C LEU A 130 -13.78 3.41 2.36
N ARG A 131 -13.06 4.52 2.25
N ARG A 131 -13.07 4.53 2.30
CA ARG A 131 -11.81 4.62 3.01
CA ARG A 131 -11.77 4.63 2.97
C ARG A 131 -11.98 4.29 4.49
C ARG A 131 -11.86 4.53 4.49
N PHE A 132 -13.14 4.61 5.06
N PHE A 132 -13.07 4.57 5.05
CA PHE A 132 -13.36 4.53 6.50
CA PHE A 132 -13.28 4.53 6.48
C PHE A 132 -13.92 3.19 6.95
C PHE A 132 -13.89 3.20 6.94
N CYS A 133 -14.11 2.27 6.02
CA CYS A 133 -14.92 1.08 6.28
CA CYS A 133 -14.96 1.11 6.33
C CYS A 133 -14.35 0.20 7.39
N ALA A 134 -13.03 -0.04 7.33
CA ALA A 134 -12.41 -0.93 8.33
C ALA A 134 -12.54 -0.33 9.73
N GLU A 135 -12.24 0.96 9.87
CA GLU A 135 -12.32 1.59 11.18
C GLU A 135 -13.76 1.63 11.68
N ARG A 136 -14.70 1.96 10.80
CA ARG A 136 -16.09 2.02 11.22
C ARG A 136 -16.58 0.64 11.66
N LEU A 137 -16.09 -0.41 11.00
CA LEU A 137 -16.49 -1.76 11.39
C LEU A 137 -15.91 -2.13 12.75
N ARG A 138 -14.64 -1.79 12.98
CA ARG A 138 -14.04 -2.04 14.30
C ARG A 138 -14.81 -1.32 15.39
N SER A 139 -15.21 -0.06 15.14
CA SER A 139 -16.04 0.68 16.10
C SER A 139 -17.37 -0.02 16.35
N LEU A 140 -18.05 -0.44 15.28
CA LEU A 140 -19.35 -1.08 15.45
C LEU A 140 -19.23 -2.39 16.24
N LEU A 141 -18.19 -3.19 15.97
CA LEU A 141 -18.01 -4.44 16.69
C LEU A 141 -17.69 -4.20 18.16
N HIS A 142 -16.85 -3.19 18.43
CA HIS A 142 -16.57 -2.83 19.82
C HIS A 142 -17.83 -2.35 20.52
N THR A 143 -18.68 -1.60 19.80
CA THR A 143 -19.87 -1.01 20.41
C THR A 143 -20.92 -2.07 20.71
N LEU A 144 -21.14 -3.02 19.80
CA LEU A 144 -22.04 -4.11 20.13
C LEU A 144 -21.43 -5.09 21.12
N GLU A 145 -20.19 -4.85 21.56
CA GLU A 145 -19.52 -5.64 22.58
C GLU A 145 -19.43 -7.11 22.17
N ILE A 146 -19.39 -7.37 20.87
CA ILE A 146 -19.22 -8.73 20.38
C ILE A 146 -17.86 -9.23 20.84
N THR A 147 -17.87 -10.25 21.70
CA THR A 147 -16.63 -10.71 22.32
C THR A 147 -15.74 -11.44 21.31
N ASP A 148 -16.26 -12.51 20.73
CA ASP A 148 -15.50 -13.23 19.71
C ASP A 148 -15.31 -12.34 18.49
N LEU A 149 -14.07 -12.27 18.00
CA LEU A 149 -13.76 -11.48 16.81
C LEU A 149 -13.61 -12.31 15.55
N ALA A 150 -13.11 -13.55 15.67
CA ALA A 150 -13.00 -14.44 14.51
C ALA A 150 -14.36 -14.70 13.88
N ASP A 151 -15.43 -14.64 14.68
CA ASP A 151 -16.79 -14.81 14.17
C ASP A 151 -17.07 -13.93 12.96
N PHE A 152 -16.47 -12.72 12.92
CA PHE A 152 -16.70 -11.76 11.87
C PHE A 152 -15.49 -11.59 10.96
N SER A 153 -14.64 -12.61 10.87
N SER A 153 -14.64 -12.60 10.86
CA SER A 153 -13.50 -12.50 9.96
CA SER A 153 -13.50 -12.48 9.97
C SER A 153 -13.90 -12.28 8.52
C SER A 153 -13.90 -12.28 8.51
N PRO A 154 -14.95 -12.90 7.96
CA PRO A 154 -15.34 -12.58 6.58
C PRO A 154 -15.71 -11.11 6.37
N LEU A 155 -16.59 -10.57 7.22
CA LEU A 155 -17.01 -9.18 7.04
C LEU A 155 -15.82 -8.25 7.16
N THR A 156 -14.93 -8.51 8.12
CA THR A 156 -13.73 -7.69 8.25
C THR A 156 -12.91 -7.74 6.97
N LEU A 157 -12.82 -8.92 6.35
CA LEU A 157 -12.10 -9.03 5.09
C LEU A 157 -12.73 -8.12 4.04
N LEU A 158 -14.06 -8.13 3.94
CA LEU A 158 -14.75 -7.22 3.02
C LEU A 158 -14.42 -5.77 3.36
N ALA A 159 -14.44 -5.41 4.65
CA ALA A 159 -14.15 -4.03 5.01
C ALA A 159 -12.72 -3.67 4.62
N ASN A 160 -11.78 -4.61 4.81
N ASN A 160 -11.77 -4.57 4.88
CA ASN A 160 -10.41 -4.32 4.43
CA ASN A 160 -10.39 -4.37 4.45
C ASN A 160 -10.32 -4.08 2.94
C ASN A 160 -10.33 -4.09 2.95
N PHE A 161 -10.98 -4.94 2.15
CA PHE A 161 -10.99 -4.73 0.71
C PHE A 161 -11.49 -3.33 0.40
N ALA A 162 -12.61 -2.93 1.03
CA ALA A 162 -13.18 -1.61 0.80
C ALA A 162 -12.14 -0.53 1.08
N THR A 163 -11.44 -0.65 2.20
CA THR A 163 -10.47 0.38 2.54
C THR A 163 -9.30 0.38 1.55
N LEU A 164 -8.79 -0.80 1.21
CA LEU A 164 -7.60 -0.84 0.35
C LEU A 164 -7.93 -0.29 -1.03
N VAL A 165 -9.05 -0.76 -1.60
CA VAL A 165 -9.37 -0.35 -2.97
C VAL A 165 -9.70 1.13 -3.00
N SER A 166 -10.19 1.69 -1.89
CA SER A 166 -10.52 3.10 -1.97
C SER A 166 -9.27 3.94 -1.74
N THR A 167 -8.41 3.47 -0.82
CA THR A 167 -7.29 4.32 -0.43
C THR A 167 -6.25 4.36 -1.54
N TYR A 168 -6.00 3.22 -2.17
CA TYR A 168 -4.89 3.07 -3.10
C TYR A 168 -5.36 3.02 -4.55
N ALA A 169 -6.52 3.61 -4.83
CA ALA A 169 -7.17 3.43 -6.12
C ALA A 169 -6.30 3.97 -7.26
N LYS A 170 -5.67 5.12 -7.04
CA LYS A 170 -4.90 5.77 -8.11
C LYS A 170 -3.41 5.48 -8.03
N GLY A 171 -3.01 4.50 -7.21
CA GLY A 171 -1.62 4.15 -7.18
C GLY A 171 -0.76 5.26 -6.53
N PHE A 172 0.53 5.21 -6.81
CA PHE A 172 1.44 6.08 -6.08
C PHE A 172 2.11 7.06 -7.04
N THR A 173 2.71 8.09 -6.45
CA THR A 173 3.38 9.13 -7.20
C THR A 173 4.56 9.65 -6.39
N ILE A 174 5.51 10.21 -7.12
CA ILE A 174 6.68 10.85 -6.55
C ILE A 174 6.64 12.34 -6.90
N ILE A 175 6.72 13.18 -5.88
CA ILE A 175 6.74 14.63 -6.03
C ILE A 175 8.05 15.13 -5.45
N ILE A 176 8.89 15.76 -6.27
CA ILE A 176 10.13 16.38 -5.78
C ILE A 176 9.93 17.90 -5.77
N GLU A 177 10.06 18.51 -4.55
CA GLU A 177 10.02 19.95 -4.35
C GLU A 177 11.44 20.48 -4.18
N PRO A 178 11.81 21.52 -4.94
CA PRO A 178 13.21 21.96 -4.94
C PRO A 178 13.68 22.56 -3.62
N PHE A 179 12.77 22.94 -2.72
CA PHE A 179 13.20 23.38 -1.40
C PHE A 179 12.02 23.30 -0.44
N ASP A 180 12.34 23.29 0.85
CA ASP A 180 11.32 23.24 1.89
C ASP A 180 10.80 24.64 2.17
N ASP A 181 9.49 24.78 2.21
CA ASP A 181 8.87 26.09 2.45
C ASP A 181 9.20 26.61 3.85
N ARG A 182 9.39 25.69 4.82
CA ARG A 182 9.67 26.11 6.19
C ARG A 182 10.99 26.89 6.30
N THR A 183 11.98 26.54 5.47
CA THR A 183 13.33 27.13 5.53
C THR A 183 13.72 27.58 4.14
N PRO A 184 13.13 28.67 3.64
CA PRO A 184 13.28 28.99 2.21
C PRO A 184 14.66 29.51 1.83
N THR A 185 15.57 29.75 2.77
CA THR A 185 16.89 30.25 2.42
C THR A 185 17.94 29.15 2.36
N ILE A 186 17.56 27.89 2.56
CA ILE A 186 18.50 26.79 2.38
C ILE A 186 17.98 25.88 1.28
N ALA A 187 18.93 25.17 0.67
CA ALA A 187 18.59 24.18 -0.35
C ALA A 187 18.32 22.89 0.40
N ASN A 188 17.08 22.70 0.82
CA ASN A 188 16.62 21.44 1.39
C ASN A 188 15.47 20.89 0.55
N PRO A 189 15.76 20.43 -0.67
CA PRO A 189 14.69 19.77 -1.45
C PRO A 189 14.10 18.57 -0.72
N ILE A 190 12.87 18.22 -1.10
CA ILE A 190 12.10 17.16 -0.46
C ILE A 190 11.55 16.24 -1.55
N LEU A 191 11.75 14.94 -1.36
CA LEU A 191 11.07 13.91 -2.17
C LEU A 191 9.90 13.35 -1.37
N HIS A 192 8.72 13.34 -2.00
CA HIS A 192 7.49 12.82 -1.41
C HIS A 192 7.05 11.61 -2.22
N PHE A 193 6.88 10.47 -1.56
CA PHE A 193 6.26 9.30 -2.16
C PHE A 193 4.93 9.09 -1.47
N SER A 194 3.83 9.06 -2.24
CA SER A 194 2.53 8.93 -1.60
C SER A 194 1.49 8.55 -2.63
N CYS A 195 0.23 8.42 -2.18
CA CYS A 195 -0.91 8.05 -3.02
C CYS A 195 -1.36 9.19 -3.91
N MET A 196 -2.51 8.98 -4.57
CA MET A 196 -3.41 10.03 -5.03
C MET A 196 -2.78 10.91 -6.11
N ASP A 197 -2.03 10.27 -7.01
CA ASP A 197 -1.66 10.92 -8.27
C ASP A 197 -1.12 9.88 -9.25
N SER B 4 3.67 5.05 7.16
CA SER B 4 3.84 3.63 6.83
C SER B 4 3.87 3.43 5.32
N MET B 5 2.92 4.05 4.61
CA MET B 5 2.85 3.97 3.16
C MET B 5 3.26 5.26 2.45
N SER B 6 3.36 6.38 3.16
CA SER B 6 3.92 7.59 2.62
C SER B 6 5.35 7.76 3.10
N VAL B 7 6.18 8.41 2.30
CA VAL B 7 7.58 8.65 2.66
C VAL B 7 7.99 10.05 2.24
N ASN B 8 8.54 10.82 3.18
CA ASN B 8 9.18 12.10 2.90
C ASN B 8 10.67 11.98 3.13
N LEU B 9 11.48 12.28 2.10
CA LEU B 9 12.94 12.29 2.20
C LEU B 9 13.44 13.69 1.89
N THR B 10 13.85 14.42 2.92
CA THR B 10 14.50 15.71 2.69
C THR B 10 16.00 15.53 2.40
N ARG B 11 16.60 16.59 1.87
CA ARG B 11 18.04 16.56 1.60
C ARG B 11 18.84 16.37 2.90
N ARG B 12 18.41 16.99 3.99
CA ARG B 12 19.10 16.79 5.26
C ARG B 12 18.95 15.34 5.74
N THR B 13 17.76 14.75 5.58
CA THR B 13 17.60 13.34 5.94
C THR B 13 18.57 12.48 5.14
N LEU B 14 18.76 12.78 3.85
CA LEU B 14 19.71 12.01 3.06
C LEU B 14 21.16 12.25 3.50
N ASP B 15 21.46 13.46 3.99
CA ASP B 15 22.79 13.71 4.55
C ASP B 15 23.02 12.84 5.78
N ARG B 16 21.98 12.71 6.63
CA ARG B 16 22.09 11.79 7.75
C ARG B 16 22.16 10.32 7.29
N CYS B 17 21.48 9.96 6.20
CA CYS B 17 21.65 8.62 5.62
C CYS B 17 23.09 8.38 5.19
N GLN B 18 23.72 9.39 4.59
CA GLN B 18 25.12 9.27 4.21
C GLN B 18 26.01 9.05 5.44
N GLY B 19 25.76 9.78 6.53
CA GLY B 19 26.43 9.48 7.78
C GLY B 19 26.19 8.06 8.28
N ASN B 20 24.93 7.60 8.21
CA ASN B 20 24.62 6.21 8.58
C ASN B 20 25.45 5.23 7.77
N LEU B 21 25.53 5.44 6.46
CA LEU B 21 26.29 4.51 5.63
C LEU B 21 27.77 4.54 6.00
N GLU B 22 28.31 5.73 6.30
CA GLU B 22 29.68 5.82 6.79
C GLU B 22 29.89 4.97 8.04
N THR B 23 28.99 5.09 9.00
CA THR B 23 29.11 4.32 10.24
C THR B 23 29.05 2.81 9.94
N LEU B 24 28.11 2.39 9.10
CA LEU B 24 27.96 0.96 8.78
C LEU B 24 29.21 0.46 8.06
N GLN B 25 29.75 1.24 7.14
CA GLN B 25 30.94 0.79 6.39
C GLN B 25 32.11 0.59 7.37
N LYS B 26 32.27 1.50 8.31
CA LYS B 26 33.35 1.40 9.32
C LYS B 26 33.11 0.18 10.20
N THR B 27 31.88 -0.04 10.60
CA THR B 27 31.56 -1.20 11.47
C THR B 27 31.81 -2.51 10.74
N VAL B 28 31.39 -2.61 9.48
CA VAL B 28 31.58 -3.85 8.71
C VAL B 28 33.08 -4.11 8.56
N LEU B 29 33.88 -3.07 8.29
CA LEU B 29 35.33 -3.27 8.18
C LEU B 29 35.92 -3.80 9.49
N ARG B 30 35.50 -3.25 10.62
CA ARG B 30 36.05 -3.72 11.91
C ARG B 30 35.66 -5.18 12.16
N ILE B 31 34.42 -5.54 11.90
CA ILE B 31 33.90 -6.92 12.13
C ILE B 31 34.63 -7.89 11.20
N LYS B 32 34.86 -7.46 9.97
CA LYS B 32 35.60 -8.24 8.96
C LYS B 32 37.00 -8.49 9.50
N GLU B 33 37.56 -7.53 10.21
CA GLU B 33 38.91 -7.72 10.73
C GLU B 33 38.93 -8.55 12.01
N THR B 34 37.88 -8.50 12.82
CA THR B 34 37.93 -9.03 14.18
C THR B 34 36.92 -10.12 14.50
N ASP B 35 35.91 -10.34 13.66
CA ASP B 35 34.85 -11.27 14.02
C ASP B 35 34.07 -11.69 12.78
N GLU B 36 34.78 -12.20 11.77
CA GLU B 36 34.19 -12.45 10.46
C GLU B 36 33.03 -13.45 10.51
N GLN B 37 33.05 -14.35 11.49
N GLN B 37 33.03 -14.35 11.49
CA GLN B 37 31.99 -15.36 11.57
CA GLN B 37 31.98 -15.36 11.54
C GLN B 37 30.61 -14.72 11.64
C GLN B 37 30.60 -14.74 11.68
N ARG B 38 30.46 -13.78 12.10
CA ARG B 38 29.25 -12.92 12.22
C ARG B 38 28.69 -12.63 10.82
N LEU B 39 29.53 -12.14 9.93
CA LEU B 39 29.12 -11.89 8.54
C LEU B 39 28.76 -13.23 7.88
N ARG B 40 29.59 -14.26 8.08
CA ARG B 40 29.34 -15.59 7.46
C ARG B 40 28.00 -16.13 7.94
N ASP B 41 27.68 -15.97 9.21
CA ASP B 41 26.44 -16.49 9.77
C ASP B 41 25.24 -15.72 9.22
N GLU B 42 25.35 -14.38 9.09
CA GLU B 42 24.27 -13.66 8.42
C GLU B 42 24.08 -14.16 7.00
N TYR B 43 25.19 -14.33 6.27
CA TYR B 43 25.09 -14.83 4.91
C TYR B 43 24.34 -16.16 4.87
N ARG B 44 24.67 -17.07 5.80
CA ARG B 44 24.02 -18.38 5.77
CA ARG B 44 24.02 -18.39 5.81
C ARG B 44 22.53 -18.27 6.08
N ARG B 45 22.15 -17.39 7.03
CA ARG B 45 20.73 -17.19 7.30
C ARG B 45 19.99 -16.70 6.07
N LEU B 46 20.54 -15.67 5.41
CA LEU B 46 19.88 -15.10 4.23
C LEU B 46 19.82 -16.09 3.07
N VAL B 47 20.88 -16.87 2.85
CA VAL B 47 20.93 -17.70 1.66
C VAL B 47 20.18 -19.03 1.86
N GLU B 48 20.32 -19.64 3.02
CA GLU B 48 19.62 -20.87 3.36
C GLU B 48 18.59 -20.52 4.43
N GLY B 49 17.34 -20.36 4.02
CA GLY B 49 16.29 -19.94 4.94
C GLY B 49 16.05 -18.46 4.89
N GLN B 74 8.76 -18.33 0.32
CA GLN B 74 9.13 -16.92 0.21
C GLN B 74 10.37 -16.74 -0.67
N GLU B 75 10.41 -15.63 -1.40
CA GLU B 75 11.36 -15.46 -2.49
C GLU B 75 12.79 -15.28 -1.98
N ALA B 76 13.74 -15.83 -2.74
CA ALA B 76 15.14 -15.80 -2.34
C ALA B 76 15.71 -14.39 -2.43
N VAL B 77 16.45 -14.00 -1.40
CA VAL B 77 17.20 -12.74 -1.40
C VAL B 77 18.06 -12.66 -2.66
N PRO B 78 18.00 -11.56 -3.40
CA PRO B 78 18.74 -11.50 -4.67
C PRO B 78 20.24 -11.59 -4.44
N GLY B 79 20.92 -12.27 -5.37
CA GLY B 79 22.34 -12.54 -5.23
C GLY B 79 23.19 -11.29 -5.20
N SER B 80 22.65 -10.16 -5.65
CA SER B 80 23.36 -8.88 -5.71
C SER B 80 23.43 -8.16 -4.37
N ILE B 81 22.65 -8.56 -3.37
CA ILE B 81 22.66 -7.90 -2.07
C ILE B 81 22.77 -8.92 -0.94
N ARG B 82 23.37 -10.09 -1.21
CA ARG B 82 23.56 -11.09 -0.16
C ARG B 82 24.56 -10.62 0.91
N THR B 83 25.77 -10.24 0.50
CA THR B 83 26.78 -9.91 1.49
C THR B 83 26.60 -8.50 2.02
N ALA B 84 27.08 -8.27 3.25
CA ALA B 84 27.01 -6.95 3.86
C ALA B 84 27.65 -5.88 2.98
N GLU B 85 28.82 -6.17 2.42
CA GLU B 85 29.56 -5.14 1.66
C GLU B 85 28.90 -4.85 0.32
N HIS B 86 28.41 -5.88 -0.39
CA HIS B 86 27.66 -5.63 -1.61
C HIS B 86 26.40 -4.81 -1.33
N PHE B 87 25.70 -5.12 -0.23
CA PHE B 87 24.50 -4.35 0.10
C PHE B 87 24.84 -2.89 0.42
N LEU B 88 25.97 -2.66 1.10
CA LEU B 88 26.36 -1.27 1.39
C LEU B 88 26.66 -0.52 0.10
N GLY B 89 27.35 -1.16 -0.85
CA GLY B 89 27.53 -0.54 -2.16
C GLY B 89 26.20 -0.23 -2.85
N PHE B 90 25.26 -1.17 -2.78
CA PHE B 90 23.95 -0.96 -3.38
C PHE B 90 23.26 0.27 -2.77
N LEU B 91 23.25 0.37 -1.44
CA LEU B 91 22.61 1.52 -0.79
C LEU B 91 23.34 2.82 -1.11
N ARG B 92 24.67 2.80 -1.19
CA ARG B 92 25.36 4.03 -1.58
C ARG B 92 24.92 4.47 -2.96
N ARG B 93 24.78 3.52 -3.90
CA ARG B 93 24.36 3.91 -5.25
C ARG B 93 22.94 4.46 -5.25
N LEU B 94 22.02 3.82 -4.51
CA LEU B 94 20.67 4.37 -4.35
C LEU B 94 20.70 5.79 -3.79
N LEU B 95 21.49 6.01 -2.72
CA LEU B 95 21.56 7.32 -2.09
C LEU B 95 22.08 8.37 -3.06
N GLU B 96 23.10 8.00 -3.87
CA GLU B 96 23.62 8.98 -4.82
C GLU B 96 22.61 9.30 -5.91
N TYR B 97 21.85 8.30 -6.37
CA TYR B 97 20.82 8.62 -7.35
C TYR B 97 19.75 9.55 -6.76
N VAL B 98 19.27 9.25 -5.55
CA VAL B 98 18.24 10.11 -4.96
C VAL B 98 18.77 11.53 -4.76
N LYS B 99 20.00 11.67 -4.25
CA LYS B 99 20.62 12.98 -4.13
C LYS B 99 20.68 13.69 -5.47
N TRP B 100 20.97 12.96 -6.54
CA TRP B 100 21.03 13.58 -7.85
C TRP B 100 19.64 14.05 -8.31
N ARG B 101 18.60 13.27 -8.01
CA ARG B 101 17.25 13.68 -8.42
C ARG B 101 16.77 14.90 -7.64
N LEU B 102 17.28 15.11 -6.43
CA LEU B 102 16.82 16.22 -5.62
C LEU B 102 17.33 17.57 -6.10
N ARG B 103 18.33 17.59 -6.97
CA ARG B 103 18.91 18.87 -7.37
C ARG B 103 18.10 19.56 -8.46
N VAL B 104 16.78 19.45 -8.40
CA VAL B 104 15.91 20.18 -9.32
C VAL B 104 15.72 21.61 -8.82
N GLN B 105 15.32 22.49 -9.74
CA GLN B 105 15.00 23.87 -9.41
C GLN B 105 13.51 24.17 -9.51
N HIS B 106 12.70 23.16 -9.81
CA HIS B 106 11.25 23.34 -9.90
C HIS B 106 10.58 22.03 -9.51
N VAL B 107 9.32 22.13 -9.11
CA VAL B 107 8.57 20.95 -8.69
C VAL B 107 8.54 19.92 -9.80
N VAL B 108 8.84 18.68 -9.46
CA VAL B 108 8.85 17.56 -10.39
C VAL B 108 7.85 16.52 -9.89
N GLN B 109 7.02 16.02 -10.78
CA GLN B 109 6.22 14.85 -10.48
C GLN B 109 6.55 13.76 -11.49
N GLU B 110 6.63 12.51 -11.01
CA GLU B 110 6.71 11.40 -11.96
C GLU B 110 6.21 10.12 -11.32
N SER B 111 5.95 9.15 -12.18
CA SER B 111 5.44 7.85 -11.81
C SER B 111 6.54 6.99 -11.24
N PRO B 112 6.20 6.02 -10.41
CA PRO B 112 7.20 5.10 -9.89
C PRO B 112 7.98 4.42 -11.01
N PRO B 113 7.33 3.93 -12.09
CA PRO B 113 8.13 3.30 -13.17
C PRO B 113 9.21 4.21 -13.72
N ALA B 114 8.92 5.50 -13.92
CA ALA B 114 9.90 6.43 -14.47
C ALA B 114 11.10 6.58 -13.54
N PHE B 115 10.82 6.77 -12.25
CA PHE B 115 11.88 6.81 -11.26
C PHE B 115 12.72 5.54 -11.28
N LEU B 116 12.07 4.39 -11.41
CA LEU B 116 12.79 3.12 -11.45
C LEU B 116 13.71 3.04 -12.67
N SER B 117 13.23 3.49 -13.83
CA SER B 117 14.06 3.41 -15.03
C SER B 117 15.25 4.36 -14.95
N GLY B 118 15.04 5.55 -14.37
CA GLY B 118 16.19 6.42 -14.13
C GLY B 118 17.21 5.75 -13.23
N LEU B 119 16.74 5.07 -12.18
CA LEU B 119 17.64 4.39 -11.25
C LEU B 119 18.42 3.28 -11.95
N ALA B 120 17.74 2.47 -12.76
CA ALA B 120 18.42 1.40 -13.48
C ALA B 120 19.46 1.96 -14.45
N GLN B 121 19.11 3.00 -15.20
CA GLN B 121 20.05 3.49 -16.21
C GLN B 121 21.21 4.27 -15.61
N ARG B 122 21.01 4.94 -14.47
CA ARG B 122 22.08 5.75 -13.88
C ARG B 122 23.02 4.92 -13.02
N VAL B 123 22.48 4.14 -12.07
CA VAL B 123 23.32 3.48 -11.09
C VAL B 123 23.15 1.95 -11.09
N CYS B 124 22.52 1.40 -12.13
CA CYS B 124 22.45 -0.05 -12.35
C CYS B 124 21.71 -0.78 -11.24
N ILE B 125 20.69 -0.15 -10.66
CA ILE B 125 19.88 -0.80 -9.64
C ILE B 125 18.56 -1.22 -10.26
N GLN B 126 18.23 -2.50 -10.12
N GLN B 126 18.22 -2.49 -10.09
CA GLN B 126 17.03 -3.12 -10.66
CA GLN B 126 17.02 -3.09 -10.66
C GLN B 126 15.92 -3.12 -9.62
C GLN B 126 15.92 -3.15 -9.62
N ARG B 127 14.69 -3.32 -10.11
CA ARG B 127 13.52 -3.25 -9.23
C ARG B 127 13.53 -4.33 -8.14
N LYS B 128 13.87 -5.58 -8.53
CA LYS B 128 13.71 -6.69 -7.59
C LYS B 128 14.54 -6.55 -6.32
N PRO B 129 15.85 -6.27 -6.36
CA PRO B 129 16.57 -6.07 -5.10
C PRO B 129 16.04 -4.91 -4.26
N LEU B 130 15.51 -3.86 -4.92
CA LEU B 130 14.88 -2.78 -4.16
C LEU B 130 13.73 -3.30 -3.30
N ARG B 131 12.98 -4.29 -3.82
N ARG B 131 13.00 -4.31 -3.78
CA ARG B 131 11.92 -4.88 -3.00
CA ARG B 131 11.92 -4.87 -2.99
C ARG B 131 12.43 -5.43 -1.66
C ARG B 131 12.40 -5.51 -1.69
N PHE B 132 13.68 -5.88 -1.61
CA PHE B 132 14.20 -6.55 -0.42
C PHE B 132 14.92 -5.60 0.54
N CYS B 133 14.92 -4.30 0.25
N CYS B 133 14.95 -4.30 0.24
CA CYS B 133 15.84 -3.37 0.89
CA CYS B 133 15.86 -3.39 0.92
C CYS B 133 15.56 -3.24 2.39
C CYS B 133 15.56 -3.26 2.40
N ALA B 134 14.29 -3.07 2.76
CA ALA B 134 13.96 -2.92 4.18
C ALA B 134 14.27 -4.20 4.97
N GLU B 135 13.93 -5.37 4.43
CA GLU B 135 14.28 -6.63 5.09
C GLU B 135 15.81 -6.82 5.16
N ARG B 136 16.52 -6.51 4.08
CA ARG B 136 17.97 -6.69 4.08
C ARG B 136 18.64 -5.76 5.10
N LEU B 137 18.15 -4.52 5.21
CA LEU B 137 18.69 -3.59 6.18
C LEU B 137 18.40 -4.06 7.61
N ARG B 138 17.17 -4.51 7.87
CA ARG B 138 16.89 -5.07 9.19
C ARG B 138 17.86 -6.18 9.54
N SER B 139 18.15 -7.04 8.59
CA SER B 139 19.10 -8.15 8.84
C SER B 139 20.48 -7.58 9.16
N LEU B 140 20.95 -6.64 8.36
CA LEU B 140 22.31 -6.07 8.56
C LEU B 140 22.39 -5.37 9.92
N LEU B 141 21.37 -4.61 10.31
CA LEU B 141 21.43 -3.92 11.62
C LEU B 141 21.47 -4.96 12.74
N HIS B 142 20.67 -6.01 12.65
CA HIS B 142 20.72 -7.08 13.69
C HIS B 142 22.08 -7.75 13.67
N THR B 143 22.62 -8.00 12.49
CA THR B 143 23.92 -8.68 12.34
C THR B 143 25.06 -7.89 12.97
N LEU B 144 25.09 -6.57 12.76
CA LEU B 144 26.18 -5.68 13.22
C LEU B 144 26.07 -5.34 14.70
N GLU B 145 24.99 -5.76 15.36
CA GLU B 145 24.69 -5.50 16.78
C GLU B 145 24.61 -4.00 16.99
N ILE B 146 23.97 -3.31 16.06
CA ILE B 146 23.77 -1.86 16.27
C ILE B 146 22.87 -1.83 17.47
N THR B 147 23.21 -1.06 18.50
CA THR B 147 22.33 -1.11 19.67
C THR B 147 21.46 0.14 19.68
N ASP B 148 21.04 0.55 20.87
CA ASP B 148 20.24 1.74 21.03
C ASP B 148 21.15 2.96 21.11
N LEU B 149 20.53 4.14 21.23
CA LEU B 149 21.23 5.43 21.27
C LEU B 149 21.95 5.71 19.95
N ALA B 150 21.96 4.74 19.05
CA ALA B 150 22.50 4.91 17.70
C ALA B 150 21.31 4.91 16.75
N ASP B 151 21.04 6.08 16.16
CA ASP B 151 19.83 6.27 15.38
C ASP B 151 20.10 6.03 13.90
N PHE B 152 19.50 4.96 13.37
CA PHE B 152 19.52 4.68 11.94
C PHE B 152 18.16 4.90 11.30
N SER B 153 17.26 5.66 11.95
CA SER B 153 15.96 5.90 11.33
C SER B 153 16.05 6.59 9.97
N PRO B 154 17.03 7.47 9.68
CA PRO B 154 17.12 7.99 8.30
C PRO B 154 17.33 6.89 7.28
N LEU B 155 18.32 6.03 7.50
CA LEU B 155 18.59 4.96 6.55
C LEU B 155 17.42 3.99 6.48
N THR B 156 16.81 3.69 7.62
CA THR B 156 15.61 2.85 7.59
C THR B 156 14.52 3.50 6.73
N LEU B 157 14.43 4.83 6.75
CA LEU B 157 13.47 5.54 5.92
C LEU B 157 13.81 5.43 4.43
N LEU B 158 15.09 5.56 4.08
CA LEU B 158 15.50 5.37 2.70
C LEU B 158 15.14 3.98 2.21
N ALA B 159 15.42 2.96 3.02
CA ALA B 159 15.14 1.58 2.66
C ALA B 159 13.63 1.35 2.56
N ASN B 160 12.85 1.97 3.43
N ASN B 160 12.86 1.97 3.45
CA ASN B 160 11.40 1.85 3.32
CA ASN B 160 11.41 1.88 3.36
C ASN B 160 10.92 2.47 2.01
C ASN B 160 10.92 2.47 2.03
N PHE B 161 11.47 3.63 1.66
CA PHE B 161 11.16 4.21 0.35
C PHE B 161 11.51 3.27 -0.79
N ALA B 162 12.70 2.65 -0.74
CA ALA B 162 13.09 1.74 -1.82
C ALA B 162 12.12 0.55 -1.95
N THR B 163 11.77 -0.06 -0.82
CA THR B 163 10.84 -1.17 -0.84
C THR B 163 9.45 -0.76 -1.35
N LEU B 164 8.95 0.39 -0.88
CA LEU B 164 7.62 0.82 -1.28
C LEU B 164 7.57 1.18 -2.75
N VAL B 165 8.60 1.89 -3.25
CA VAL B 165 8.50 2.32 -4.64
C VAL B 165 8.68 1.14 -5.58
N SER B 166 9.52 0.15 -5.21
CA SER B 166 9.67 -1.03 -6.08
C SER B 166 8.48 -1.95 -6.00
N THR B 167 7.96 -2.20 -4.80
CA THR B 167 6.88 -3.17 -4.66
C THR B 167 5.60 -2.66 -5.33
N TYR B 168 5.25 -1.38 -5.14
CA TYR B 168 3.97 -0.85 -5.59
C TYR B 168 4.08 -0.04 -6.87
N ALA B 169 5.11 -0.33 -7.68
CA ALA B 169 5.46 0.54 -8.80
C ALA B 169 4.35 0.63 -9.83
N LYS B 170 3.60 -0.45 -10.03
CA LYS B 170 2.57 -0.48 -11.06
C LYS B 170 1.17 -0.31 -10.48
N GLY B 171 1.06 0.09 -9.22
CA GLY B 171 -0.25 0.26 -8.65
C GLY B 171 -0.93 -1.10 -8.43
N PHE B 172 -2.25 -1.05 -8.39
CA PHE B 172 -3.07 -2.18 -7.99
C PHE B 172 -4.08 -2.53 -9.06
N THR B 173 -4.71 -3.69 -8.89
CA THR B 173 -5.59 -4.23 -9.90
C THR B 173 -6.58 -5.18 -9.23
N ILE B 174 -7.75 -5.31 -9.87
CA ILE B 174 -8.80 -6.24 -9.46
C ILE B 174 -8.94 -7.29 -10.56
N ILE B 175 -8.81 -8.56 -10.16
CA ILE B 175 -8.93 -9.71 -11.05
C ILE B 175 -10.07 -10.58 -10.52
N ILE B 176 -11.08 -10.82 -11.36
CA ILE B 176 -12.18 -11.69 -10.98
C ILE B 176 -12.04 -12.97 -11.79
N GLU B 177 -11.99 -14.10 -11.09
CA GLU B 177 -11.94 -15.45 -11.64
C GLU B 177 -13.32 -16.09 -11.56
N PRO B 178 -13.81 -16.68 -12.66
CA PRO B 178 -15.15 -17.27 -12.63
C PRO B 178 -15.28 -18.43 -11.66
N PHE B 179 -14.19 -19.12 -11.34
CA PHE B 179 -14.26 -20.24 -10.41
C PHE B 179 -12.86 -20.53 -9.89
N ASP B 180 -12.80 -21.05 -8.68
CA ASP B 180 -11.54 -21.53 -8.14
C ASP B 180 -11.19 -22.87 -8.76
N ASP B 181 -9.94 -23.01 -9.22
CA ASP B 181 -9.52 -24.24 -9.87
C ASP B 181 -9.35 -25.39 -8.87
N ARG B 182 -9.27 -25.09 -7.57
CA ARG B 182 -9.18 -26.15 -6.58
C ARG B 182 -10.51 -26.88 -6.40
N THR B 183 -11.64 -26.27 -6.78
CA THR B 183 -12.95 -26.91 -6.76
C THR B 183 -13.66 -26.61 -8.08
N PRO B 184 -13.21 -27.21 -9.17
CA PRO B 184 -13.70 -26.81 -10.50
C PRO B 184 -15.13 -27.26 -10.82
N THR B 185 -15.78 -28.09 -9.98
CA THR B 185 -17.16 -28.44 -10.27
C THR B 185 -18.16 -27.51 -9.59
N ILE B 186 -17.71 -26.50 -8.85
CA ILE B 186 -18.61 -25.59 -8.15
C ILE B 186 -18.36 -24.16 -8.61
N ALA B 187 -19.43 -23.40 -8.71
CA ALA B 187 -19.38 -21.97 -9.02
C ALA B 187 -18.98 -21.23 -7.73
N ASN B 188 -17.68 -21.09 -7.53
CA ASN B 188 -17.16 -20.31 -6.40
C ASN B 188 -16.15 -19.29 -6.93
N PRO B 189 -16.63 -18.26 -7.64
CA PRO B 189 -15.72 -17.26 -8.21
C PRO B 189 -14.95 -16.50 -7.13
N ILE B 190 -13.93 -15.77 -7.55
CA ILE B 190 -12.98 -15.16 -6.63
C ILE B 190 -12.64 -13.76 -7.11
N LEU B 191 -12.71 -12.79 -6.20
CA LEU B 191 -12.19 -11.46 -6.45
C LEU B 191 -10.80 -11.32 -5.81
N HIS B 192 -9.83 -10.87 -6.60
CA HIS B 192 -8.47 -10.62 -6.16
C HIS B 192 -8.19 -9.13 -6.24
N PHE B 193 -7.81 -8.53 -5.13
CA PHE B 193 -7.23 -7.20 -5.15
C PHE B 193 -5.74 -7.35 -4.86
N SER B 194 -4.88 -6.90 -5.77
CA SER B 194 -3.44 -7.09 -5.55
C SER B 194 -2.63 -6.09 -6.39
N CYS B 195 -1.30 -6.14 -6.23
CA CYS B 195 -0.35 -5.31 -6.98
C CYS B 195 -0.22 -5.73 -8.43
N MET B 196 0.79 -5.13 -9.08
CA MET B 196 1.28 -5.52 -10.40
C MET B 196 0.13 -5.48 -11.40
N ASP B 197 -0.45 -4.28 -11.49
CA ASP B 197 -1.73 -4.02 -12.13
C ASP B 197 -1.91 -4.42 -13.58
N PRO C 2 -37.77 -4.44 3.30
CA PRO C 2 -37.17 -3.90 2.07
C PRO C 2 -35.99 -4.71 1.55
N THR C 3 -36.00 -4.98 0.24
CA THR C 3 -34.83 -5.55 -0.41
C THR C 3 -33.77 -4.48 -0.64
N VAL C 4 -32.55 -4.94 -0.89
CA VAL C 4 -31.49 -4.00 -1.24
C VAL C 4 -31.82 -3.29 -2.55
N ASP C 5 -32.49 -3.98 -3.49
CA ASP C 5 -32.86 -3.35 -4.74
C ASP C 5 -33.83 -2.19 -4.51
N LYS C 6 -34.80 -2.37 -3.59
CA LYS C 6 -35.71 -1.29 -3.27
C LYS C 6 -34.96 -0.12 -2.64
N GLU C 7 -34.08 -0.43 -1.69
CA GLU C 7 -33.29 0.62 -1.03
C GLU C 7 -32.49 1.41 -2.06
N VAL C 8 -31.88 0.72 -3.03
CA VAL C 8 -31.08 1.40 -4.02
C VAL C 8 -31.94 2.30 -4.90
N GLU C 9 -33.11 1.82 -5.37
CA GLU C 9 -33.90 2.70 -6.23
C GLU C 9 -34.40 3.92 -5.47
N ILE C 10 -34.83 3.74 -4.22
CA ILE C 10 -35.24 4.87 -3.39
C ILE C 10 -34.08 5.84 -3.21
N ARG C 11 -32.88 5.30 -2.95
CA ARG C 11 -31.70 6.16 -2.80
C ARG C 11 -31.41 6.95 -4.06
N LYS C 12 -31.49 6.31 -5.23
CA LYS C 12 -31.21 7.04 -6.47
C LYS C 12 -32.21 8.17 -6.67
N LYS C 13 -33.50 7.91 -6.39
CA LYS C 13 -34.50 8.96 -6.47
C LYS C 13 -34.15 10.12 -5.54
N VAL C 14 -33.81 9.81 -4.28
CA VAL C 14 -33.51 10.89 -3.34
C VAL C 14 -32.33 11.71 -3.83
N LEU C 15 -31.28 11.02 -4.33
CA LEU C 15 -30.06 11.71 -4.73
C LEU C 15 -30.26 12.57 -5.97
N LYS C 16 -31.23 12.21 -6.82
CA LYS C 16 -31.60 13.13 -7.89
C LYS C 16 -32.03 14.49 -7.38
N ILE C 17 -32.51 14.58 -6.14
CA ILE C 17 -32.92 15.86 -5.55
C ILE C 17 -31.84 16.42 -4.63
N TYR C 18 -31.34 15.58 -3.72
CA TYR C 18 -30.23 15.95 -2.85
C TYR C 18 -28.92 15.61 -3.57
N ASN C 19 -28.61 16.43 -4.58
CA ASN C 19 -27.58 16.12 -5.55
C ASN C 19 -26.30 16.90 -5.34
N LYS C 20 -26.13 17.54 -4.20
CA LYS C 20 -24.96 18.37 -3.95
C LYS C 20 -23.74 17.50 -3.68
N ARG C 21 -22.57 18.02 -4.06
CA ARG C 21 -21.29 17.37 -3.84
C ARG C 21 -20.50 18.14 -2.79
N GLU C 22 -19.36 17.57 -2.39
CA GLU C 22 -18.54 18.19 -1.36
C GLU C 22 -18.20 19.64 -1.69
N GLU C 23 -17.88 19.93 -2.95
CA GLU C 23 -17.47 21.29 -3.28
C GLU C 23 -18.62 22.28 -3.27
N ASP C 24 -19.85 21.83 -3.03
CA ASP C 24 -20.98 22.74 -2.97
C ASP C 24 -21.20 23.31 -1.57
N PHE C 25 -20.44 22.85 -0.58
CA PHE C 25 -20.58 23.32 0.78
C PHE C 25 -19.32 24.07 1.21
N PRO C 26 -19.47 25.20 1.88
CA PRO C 26 -18.29 25.97 2.31
C PRO C 26 -17.44 25.23 3.31
N SER C 27 -17.99 24.25 4.04
CA SER C 27 -17.22 23.55 5.05
C SER C 27 -17.57 22.07 5.03
N LEU C 28 -16.58 21.27 5.41
CA LEU C 28 -16.76 19.83 5.50
C LEU C 28 -17.85 19.48 6.50
N ARG C 29 -17.94 20.22 7.61
CA ARG C 29 -18.98 19.92 8.61
C ARG C 29 -20.37 20.00 8.00
N GLU C 30 -20.62 21.05 7.22
CA GLU C 30 -21.92 21.19 6.59
C GLU C 30 -22.18 20.07 5.59
N TYR C 31 -21.16 19.68 4.84
CA TYR C 31 -21.31 18.57 3.91
C TYR C 31 -21.67 17.28 4.64
N ASN C 32 -20.96 16.97 5.72
CA ASN C 32 -21.25 15.72 6.43
C ASN C 32 -22.64 15.74 7.06
N ASP C 33 -23.07 16.90 7.59
N ASP C 33 -23.08 16.89 7.57
CA ASP C 33 -24.45 16.97 8.07
CA ASP C 33 -24.45 16.94 8.08
C ASP C 33 -25.43 16.71 6.94
C ASP C 33 -25.47 16.76 6.96
N PHE C 34 -25.19 17.30 5.77
CA PHE C 34 -26.03 17.04 4.61
C PHE C 34 -26.08 15.55 4.28
N LEU C 35 -24.92 14.86 4.30
CA LEU C 35 -24.92 13.43 4.04
C LEU C 35 -25.80 12.69 5.04
N GLU C 36 -25.70 13.05 6.31
CA GLU C 36 -26.49 12.35 7.30
C GLU C 36 -27.97 12.61 7.09
N GLU C 37 -28.32 13.84 6.71
CA GLU C 37 -29.71 14.13 6.37
C GLU C 37 -30.20 13.24 5.23
N VAL C 38 -29.36 13.05 4.20
CA VAL C 38 -29.77 12.18 3.10
C VAL C 38 -30.04 10.77 3.60
N GLU C 39 -29.18 10.27 4.49
CA GLU C 39 -29.41 8.93 5.06
C GLU C 39 -30.75 8.87 5.78
N GLU C 40 -31.09 9.92 6.53
CA GLU C 40 -32.35 9.90 7.27
C GLU C 40 -33.53 9.86 6.31
N ILE C 41 -33.45 10.60 5.21
CA ILE C 41 -34.54 10.58 4.24
C ILE C 41 -34.69 9.20 3.63
N VAL C 42 -33.58 8.63 3.13
CA VAL C 42 -33.64 7.30 2.50
C VAL C 42 -34.18 6.26 3.49
N PHE C 43 -33.71 6.31 4.73
CA PHE C 43 -34.18 5.36 5.74
C PHE C 43 -35.68 5.50 5.95
N ASN C 44 -36.18 6.74 6.02
CA ASN C 44 -37.62 6.94 6.25
C ASN C 44 -38.45 6.41 5.07
N LEU C 45 -38.08 6.81 3.85
CA LEU C 45 -38.84 6.34 2.69
C LEU C 45 -38.76 4.82 2.53
N THR C 46 -37.62 4.24 2.88
CA THR C 46 -37.41 2.80 2.70
C THR C 46 -38.17 1.98 3.72
N ASN C 47 -38.23 2.45 4.96
CA ASN C 47 -38.87 1.72 6.04
C ASN C 47 -40.27 2.24 6.32
N ASN C 48 -40.82 3.07 5.43
CA ASN C 48 -42.16 3.67 5.55
C ASN C 48 -42.37 4.25 6.95
N VAL C 49 -41.54 5.25 7.27
CA VAL C 49 -41.53 5.87 8.60
C VAL C 49 -41.63 7.37 8.43
N ASP C 50 -42.57 7.98 9.16
CA ASP C 50 -42.78 9.43 9.17
C ASP C 50 -42.84 9.98 7.75
N LEU C 51 -43.63 9.31 6.91
CA LEU C 51 -43.58 9.55 5.48
C LEU C 51 -44.01 10.96 5.12
N ASP C 52 -45.09 11.45 5.74
CA ASP C 52 -45.63 12.75 5.36
C ASP C 52 -44.63 13.86 5.66
N ASN C 53 -44.08 13.87 6.88
CA ASN C 53 -43.11 14.90 7.19
C ASN C 53 -41.86 14.77 6.33
N THR C 54 -41.50 13.55 5.95
CA THR C 54 -40.29 13.35 5.15
C THR C 54 -40.49 13.89 3.73
N LYS C 55 -41.64 13.58 3.12
CA LYS C 55 -41.89 14.06 1.76
C LYS C 55 -42.19 15.56 1.75
N LYS C 56 -42.76 16.06 2.84
CA LYS C 56 -42.83 17.50 3.05
C LYS C 56 -41.44 18.12 3.04
N LYS C 57 -40.49 17.49 3.76
CA LYS C 57 -39.13 17.98 3.79
C LYS C 57 -38.51 17.98 2.39
N MET C 58 -38.70 16.89 1.65
CA MET C 58 -38.11 16.80 0.31
C MET C 58 -38.69 17.86 -0.61
N GLU C 59 -39.99 18.15 -0.48
CA GLU C 59 -40.60 19.19 -1.31
C GLU C 59 -40.03 20.56 -0.98
N ILE C 60 -39.83 20.84 0.31
CA ILE C 60 -39.25 22.13 0.69
C ILE C 60 -37.82 22.25 0.19
N TYR C 61 -37.01 21.21 0.41
CA TYR C 61 -35.63 21.22 -0.06
C TYR C 61 -35.60 21.43 -1.57
N GLN C 62 -36.45 20.71 -2.31
CA GLN C 62 -36.44 20.80 -3.76
C GLN C 62 -36.87 22.19 -4.23
N LYS C 63 -37.81 22.83 -3.52
CA LYS C 63 -38.16 24.20 -3.88
C LYS C 63 -37.02 25.16 -3.62
N GLU C 64 -36.34 25.00 -2.48
CA GLU C 64 -35.21 25.88 -2.15
C GLU C 64 -33.98 25.61 -3.02
N ASN C 65 -33.93 24.50 -3.75
CA ASN C 65 -32.76 24.16 -4.54
C ASN C 65 -33.11 23.92 -6.01
N LYS C 66 -34.09 24.66 -6.53
CA LYS C 66 -34.51 24.54 -7.92
C LYS C 66 -33.38 24.92 -8.88
N GLY D 1 37.35 5.48 0.33
CA GLY D 1 38.18 4.93 -0.72
C GLY D 1 37.81 5.43 -2.10
N PRO D 2 37.34 4.53 -2.96
CA PRO D 2 36.88 4.95 -4.29
C PRO D 2 35.62 5.80 -4.19
N THR D 3 35.26 6.39 -5.32
CA THR D 3 34.03 7.17 -5.40
C THR D 3 32.90 6.31 -5.95
N VAL D 4 31.68 6.81 -5.81
CA VAL D 4 30.53 6.05 -6.33
C VAL D 4 30.46 6.15 -7.84
N ASP D 5 30.91 7.27 -8.43
CA ASP D 5 30.93 7.37 -9.89
C ASP D 5 31.93 6.40 -10.50
N LYS D 6 33.07 6.18 -9.84
CA LYS D 6 34.02 5.16 -10.32
C LYS D 6 33.44 3.76 -10.15
N GLU D 7 32.85 3.48 -8.99
CA GLU D 7 32.12 2.24 -8.79
C GLU D 7 31.16 2.00 -9.95
N VAL D 8 30.39 3.03 -10.32
CA VAL D 8 29.33 2.87 -11.31
C VAL D 8 29.92 2.69 -12.71
N GLU D 9 30.94 3.48 -13.05
CA GLU D 9 31.62 3.27 -14.34
C GLU D 9 32.14 1.84 -14.46
N ILE D 10 32.74 1.34 -13.38
CA ILE D 10 33.27 -0.02 -13.40
C ILE D 10 32.14 -1.05 -13.51
N ARG D 11 31.05 -0.83 -12.77
CA ARG D 11 29.91 -1.75 -12.84
C ARG D 11 29.32 -1.77 -14.25
N LYS D 12 29.18 -0.60 -14.88
CA LYS D 12 28.65 -0.56 -16.25
C LYS D 12 29.55 -1.32 -17.21
N LYS D 13 30.86 -1.08 -17.12
CA LYS D 13 31.82 -1.85 -17.90
C LYS D 13 31.60 -3.36 -17.70
N VAL D 14 31.66 -3.80 -16.44
CA VAL D 14 31.56 -5.23 -16.14
C VAL D 14 30.28 -5.80 -16.74
N LEU D 15 29.15 -5.11 -16.54
CA LEU D 15 27.86 -5.58 -17.03
C LEU D 15 27.78 -5.63 -18.55
N LYS D 16 28.60 -4.85 -19.25
CA LYS D 16 28.68 -5.01 -20.71
C LYS D 16 29.06 -6.45 -21.06
N ILE D 17 29.94 -7.06 -20.29
CA ILE D 17 30.35 -8.45 -20.52
C ILE D 17 29.41 -9.43 -19.83
N TYR D 18 29.10 -9.19 -18.56
CA TYR D 18 28.18 -10.03 -17.80
C TYR D 18 26.76 -9.51 -17.96
N ASN D 19 26.26 -9.57 -19.20
CA ASN D 19 25.01 -8.94 -19.59
C ASN D 19 23.82 -9.89 -19.58
N LYS D 20 23.95 -11.06 -18.96
CA LYS D 20 22.83 -11.99 -18.93
C LYS D 20 21.74 -11.47 -18.00
N ARG D 21 20.50 -11.86 -18.30
CA ARG D 21 19.34 -11.46 -17.52
C ARG D 21 18.72 -12.69 -16.87
N GLU D 22 17.68 -12.46 -16.07
CA GLU D 22 17.05 -13.55 -15.33
C GLU D 22 16.45 -14.61 -16.25
N GLU D 23 15.95 -14.21 -17.43
CA GLU D 23 15.41 -15.17 -18.38
C GLU D 23 16.50 -15.99 -19.09
N ASP D 24 17.77 -15.63 -18.91
CA ASP D 24 18.86 -16.34 -19.57
C ASP D 24 19.37 -17.54 -18.77
N PHE D 25 18.85 -17.76 -17.56
CA PHE D 25 19.24 -18.89 -16.73
C PHE D 25 18.05 -19.81 -16.52
N PRO D 26 18.23 -21.11 -16.68
CA PRO D 26 17.08 -22.03 -16.49
C PRO D 26 16.54 -22.02 -15.08
N SER D 27 17.28 -21.55 -14.08
CA SER D 27 16.75 -21.53 -12.72
C SER D 27 17.12 -20.24 -12.00
N LEU D 28 16.24 -19.86 -11.06
CA LEU D 28 16.52 -18.70 -10.23
C LEU D 28 17.83 -18.88 -9.46
N ARG D 29 18.08 -20.08 -8.94
CA ARG D 29 19.29 -20.30 -8.15
C ARG D 29 20.54 -19.97 -8.96
N GLU D 30 20.57 -20.40 -10.24
CA GLU D 30 21.72 -20.10 -11.08
C GLU D 30 21.82 -18.61 -11.34
N TYR D 31 20.68 -17.93 -11.53
CA TYR D 31 20.72 -16.47 -11.74
C TYR D 31 21.29 -15.76 -10.52
N ASN D 32 20.79 -16.08 -9.33
CA ASN D 32 21.29 -15.41 -8.13
C ASN D 32 22.77 -15.70 -7.88
N ASP D 33 23.22 -16.92 -8.17
CA ASP D 33 24.65 -17.17 -8.00
C ASP D 33 25.46 -16.37 -9.01
N PHE D 34 24.92 -16.19 -10.22
CA PHE D 34 25.54 -15.32 -11.22
C PHE D 34 25.64 -13.88 -10.69
N LEU D 35 24.53 -13.35 -10.16
CA LEU D 35 24.52 -12.00 -9.60
C LEU D 35 25.58 -11.84 -8.50
N GLU D 36 25.72 -12.84 -7.63
CA GLU D 36 26.74 -12.74 -6.59
C GLU D 36 28.13 -12.69 -7.22
N GLU D 37 28.36 -13.49 -8.26
CA GLU D 37 29.68 -13.47 -8.90
C GLU D 37 29.96 -12.11 -9.55
N VAL D 38 28.92 -11.48 -10.11
CA VAL D 38 29.07 -10.15 -10.68
C VAL D 38 29.52 -9.17 -9.60
N GLU D 39 28.86 -9.21 -8.42
CA GLU D 39 29.29 -8.36 -7.32
C GLU D 39 30.75 -8.64 -6.95
N GLU D 40 31.16 -9.91 -6.92
CA GLU D 40 32.55 -10.23 -6.58
C GLU D 40 33.53 -9.58 -7.55
N ILE D 41 33.18 -9.59 -8.85
CA ILE D 41 34.05 -8.94 -9.83
C ILE D 41 34.08 -7.43 -9.63
N VAL D 42 32.90 -6.80 -9.52
CA VAL D 42 32.83 -5.34 -9.38
C VAL D 42 33.59 -4.89 -8.14
N PHE D 43 33.46 -5.66 -7.05
CA PHE D 43 34.19 -5.31 -5.83
C PHE D 43 35.70 -5.49 -6.02
N ASN D 44 36.12 -6.58 -6.68
CA ASN D 44 37.56 -6.80 -6.90
C ASN D 44 38.17 -5.64 -7.67
N LEU D 45 37.53 -5.24 -8.77
CA LEU D 45 38.08 -4.17 -9.58
C LEU D 45 38.05 -2.82 -8.85
N THR D 46 36.96 -2.56 -8.10
CA THR D 46 36.83 -1.27 -7.44
C THR D 46 37.83 -1.08 -6.30
N ASN D 47 38.21 -2.16 -5.62
CA ASN D 47 39.12 -2.07 -4.49
C ASN D 47 40.50 -2.60 -4.82
N ASN D 48 40.77 -2.87 -6.10
CA ASN D 48 42.08 -3.31 -6.57
C ASN D 48 42.56 -4.56 -5.83
N VAL D 49 41.63 -5.45 -5.51
CA VAL D 49 41.97 -6.71 -4.85
C VAL D 49 41.90 -7.84 -5.86
N ASP D 50 42.97 -8.63 -5.93
CA ASP D 50 43.01 -9.86 -6.71
C ASP D 50 42.78 -9.60 -8.19
N LEU D 51 43.44 -8.55 -8.71
CA LEU D 51 43.15 -8.09 -10.06
C LEU D 51 43.51 -9.13 -11.12
N ASP D 52 44.60 -9.88 -10.92
CA ASP D 52 45.05 -10.82 -11.94
C ASP D 52 44.05 -11.94 -12.16
N ASN D 53 43.65 -12.63 -11.08
CA ASN D 53 42.66 -13.69 -11.20
C ASN D 53 41.31 -13.16 -11.63
N THR D 54 40.96 -11.92 -11.23
CA THR D 54 39.69 -11.33 -11.65
C THR D 54 39.68 -11.13 -13.17
N LYS D 55 40.77 -10.57 -13.71
CA LYS D 55 40.90 -10.44 -15.15
C LYS D 55 40.87 -11.79 -15.84
N LYS D 56 41.48 -12.81 -15.23
CA LYS D 56 41.42 -14.15 -15.79
C LYS D 56 39.97 -14.63 -15.92
N LYS D 57 39.22 -14.59 -14.81
CA LYS D 57 37.81 -14.96 -14.85
C LYS D 57 37.05 -14.18 -15.92
N MET D 58 37.29 -12.87 -16.01
CA MET D 58 36.61 -12.06 -17.02
C MET D 58 36.90 -12.55 -18.43
N GLU D 59 38.16 -12.87 -18.72
CA GLU D 59 38.49 -13.38 -20.05
C GLU D 59 37.80 -14.71 -20.32
N ILE D 60 37.88 -15.63 -19.35
CA ILE D 60 37.29 -16.97 -19.52
C ILE D 60 35.79 -16.86 -19.78
N TYR D 61 35.10 -16.02 -19.00
CA TYR D 61 33.67 -15.85 -19.20
C TYR D 61 33.37 -15.19 -20.54
N GLN D 62 34.17 -14.21 -20.92
CA GLN D 62 33.88 -13.44 -22.13
C GLN D 62 34.05 -14.28 -23.40
N LYS D 63 35.10 -15.10 -23.44
CA LYS D 63 35.31 -15.93 -24.63
C LYS D 63 34.24 -16.99 -24.80
N GLU D 64 33.51 -17.32 -23.73
CA GLU D 64 32.54 -18.41 -23.77
C GLU D 64 31.11 -17.94 -23.96
N ASN D 65 30.85 -16.64 -23.87
CA ASN D 65 29.49 -16.09 -23.90
C ASN D 65 28.63 -16.74 -22.82
CL CL E . -12.06 10.47 -1.68
CL CL F . 10.72 -7.46 -10.13
#